data_4HI4
#
_entry.id   4HI4
#
_cell.length_a   67.365
_cell.length_b   67.435
_cell.length_c   117.868
_cell.angle_alpha   90.00
_cell.angle_beta   90.00
_cell.angle_gamma   90.00
#
_symmetry.space_group_name_H-M   'P 21 21 21'
#
loop_
_entity.id
_entity.type
_entity.pdbx_description
1 polymer 'Aerotaxis transducer Aer2'
2 non-polymer 'PROTOPORPHYRIN IX CONTAINING FE'
3 non-polymer 'CHLORIDE ION'
4 non-polymer GLYCEROL
5 water water
#
_entity_poly.entity_id   1
_entity_poly.type   'polypeptide(L)'
_entity_poly.pdbx_seq_one_letter_code
;GSHMARIASALDNVSANVMIADNDLNIIYMNRTVSEMLGRAEADIRKQLPNFDAGRLMGANIDVFHKNPAHQRHLLANLT
GVHKAELNLGGRRFSLDVVPVFNDANARLGSAVQWTDRTEE
;
_entity_poly.pdbx_strand_id   A,B,D,G
#
loop_
_chem_comp.id
_chem_comp.type
_chem_comp.name
_chem_comp.formula
CL non-polymer 'CHLORIDE ION' 'Cl -1'
GOL non-polymer GLYCEROL 'C3 H8 O3'
HEM non-polymer 'PROTOPORPHYRIN IX CONTAINING FE' 'C34 H32 Fe N4 O4'
#
# COMPACT_ATOMS: atom_id res chain seq x y z
N GLY A 1 23.85 5.19 6.51
CA GLY A 1 24.13 3.81 6.19
C GLY A 1 23.47 3.39 4.89
N SER A 2 22.34 4.01 4.56
CA SER A 2 21.57 3.59 3.39
C SER A 2 21.76 4.55 2.21
N HIS A 3 22.27 4.00 1.13
CA HIS A 3 22.59 4.76 -0.04
C HIS A 3 21.32 5.19 -0.77
N MET A 4 20.33 4.27 -0.82
CA MET A 4 19.04 4.56 -1.43
C MET A 4 18.30 5.67 -0.72
N ALA A 5 18.29 5.66 0.62
CA ALA A 5 17.66 6.77 1.37
C ALA A 5 18.35 8.11 1.07
N ARG A 6 19.69 8.12 1.04
CA ARG A 6 20.43 9.34 0.65
C ARG A 6 20.00 9.81 -0.73
N ILE A 7 19.95 8.90 -1.69
CA ILE A 7 19.55 9.27 -3.04
C ILE A 7 18.11 9.77 -3.08
N ALA A 8 17.21 9.03 -2.43
CA ALA A 8 15.80 9.40 -2.44
C ALA A 8 15.65 10.82 -1.89
N SER A 9 16.30 11.08 -0.77
CA SER A 9 16.18 12.38 -0.13
C SER A 9 16.76 13.48 -1.00
N ALA A 10 17.94 13.24 -1.56
CA ALA A 10 18.55 14.27 -2.37
C ALA A 10 17.62 14.63 -3.56
N LEU A 11 16.83 13.66 -4.03
CA LEU A 11 16.02 13.84 -5.25
C LEU A 11 14.55 14.16 -4.95
N ASP A 12 14.16 14.18 -3.68
CA ASP A 12 12.76 14.31 -3.35
C ASP A 12 12.14 15.52 -3.98
N ASN A 13 12.92 16.60 -4.10
CA ASN A 13 12.41 17.85 -4.62
C ASN A 13 12.90 18.31 -5.99
N VAL A 14 13.52 17.44 -6.78
CA VAL A 14 14.01 17.88 -8.09
C VAL A 14 12.93 17.84 -9.14
N SER A 15 13.16 18.51 -10.28
CA SER A 15 12.15 18.55 -11.34
C SER A 15 11.92 17.19 -11.98
N ALA A 16 13.01 16.46 -12.22
CA ALA A 16 12.93 15.13 -12.79
C ALA A 16 12.02 14.25 -11.93
N ASN A 17 11.09 13.55 -12.59
CA ASN A 17 10.21 12.60 -11.91
C ASN A 17 11.00 11.32 -11.63
N VAL A 18 11.23 10.99 -10.37
CA VAL A 18 12.05 9.82 -10.07
C VAL A 18 11.40 8.88 -9.09
N MET A 19 11.43 7.59 -9.44
CA MET A 19 10.89 6.50 -8.68
C MET A 19 12.03 5.51 -8.40
N ILE A 20 12.04 4.92 -7.20
CA ILE A 20 13.09 3.98 -6.86
C ILE A 20 12.52 2.61 -6.45
N ALA A 21 13.03 1.55 -7.08
CA ALA A 21 12.61 0.19 -6.73
C ALA A 21 13.79 -0.57 -6.12
N ASP A 22 13.49 -1.50 -5.23
CA ASP A 22 14.54 -2.28 -4.61
C ASP A 22 14.90 -3.50 -5.47
N ASN A 23 15.74 -4.39 -4.95
CA ASN A 23 16.16 -5.55 -5.73
C ASN A 23 15.02 -6.52 -5.99
N ASP A 24 13.96 -6.49 -5.17
CA ASP A 24 12.79 -7.34 -5.38
C ASP A 24 11.74 -6.66 -6.25
N LEU A 25 12.06 -5.47 -6.78
CA LEU A 25 11.18 -4.73 -7.69
C LEU A 25 9.97 -4.14 -6.93
N ASN A 26 10.13 -3.99 -5.62
CA ASN A 26 9.18 -3.20 -4.86
C ASN A 26 9.52 -1.70 -4.98
N ILE A 27 8.51 -0.87 -5.21
CA ILE A 27 8.68 0.57 -5.23
C ILE A 27 8.92 1.04 -3.78
N ILE A 28 10.08 1.65 -3.54
CA ILE A 28 10.43 2.07 -2.17
C ILE A 28 10.54 3.60 -1.97
N TYR A 29 10.65 4.34 -3.08
CA TYR A 29 10.68 5.78 -3.00
C TYR A 29 10.03 6.39 -4.22
N MET A 30 9.28 7.47 -4.04
CA MET A 30 8.80 8.26 -5.15
C MET A 30 8.99 9.71 -4.79
N ASN A 31 9.59 10.49 -5.68
CA ASN A 31 9.77 11.90 -5.35
C ASN A 31 8.46 12.63 -5.64
N ARG A 32 8.42 13.94 -5.38
CA ARG A 32 7.17 14.68 -5.46
C ARG A 32 6.64 14.81 -6.86
N THR A 33 7.50 15.12 -7.81
CA THR A 33 7.02 15.33 -9.17
C THR A 33 6.47 14.03 -9.77
N VAL A 34 7.09 12.88 -9.46
CA VAL A 34 6.62 11.66 -10.10
C VAL A 34 5.22 11.32 -9.57
N SER A 35 4.98 11.58 -8.29
CA SER A 35 3.66 11.33 -7.67
C SER A 35 2.60 12.20 -8.31
N GLU A 36 2.89 13.49 -8.44
CA GLU A 36 2.00 14.41 -9.11
C GLU A 36 1.84 14.07 -10.59
N MET A 37 2.93 13.73 -11.26
CA MET A 37 2.81 13.39 -12.67
C MET A 37 1.92 12.17 -12.83
N LEU A 38 2.11 11.15 -11.99
CA LEU A 38 1.31 9.94 -12.16
C LEU A 38 -0.15 10.16 -11.72
N GLY A 39 -0.36 11.07 -10.77
CA GLY A 39 -1.72 11.47 -10.43
C GLY A 39 -2.46 12.08 -11.62
N ARG A 40 -1.82 13.01 -12.33
CA ARG A 40 -2.46 13.60 -13.51
C ARG A 40 -2.76 12.60 -14.61
N ALA A 41 -1.87 11.62 -14.77
CA ALA A 41 -1.99 10.64 -15.85
C ALA A 41 -2.88 9.46 -15.48
N GLU A 42 -3.47 9.52 -14.29
CA GLU A 42 -4.20 8.38 -13.75
C GLU A 42 -5.41 7.96 -14.62
N ALA A 43 -6.23 8.93 -15.04
CA ALA A 43 -7.42 8.61 -15.83
C ALA A 43 -7.03 7.85 -17.09
N ASP A 44 -6.09 8.40 -17.85
CA ASP A 44 -5.65 7.74 -19.07
C ASP A 44 -5.04 6.36 -18.80
N ILE A 45 -4.16 6.27 -17.81
CA ILE A 45 -3.51 5.00 -17.52
C ILE A 45 -4.56 3.94 -17.15
N ARG A 46 -5.69 4.39 -16.62
CA ARG A 46 -6.75 3.46 -16.23
C ARG A 46 -7.47 2.80 -17.41
N LYS A 47 -7.44 3.43 -18.58
CA LYS A 47 -8.02 2.84 -19.79
C LYS A 47 -7.37 1.49 -20.15
N GLN A 48 -6.08 1.38 -19.85
CA GLN A 48 -5.33 0.17 -20.14
C GLN A 48 -5.06 -0.66 -18.87
N LEU A 49 -4.95 0.02 -17.73
CA LEU A 49 -4.80 -0.65 -16.44
C LEU A 49 -5.90 -0.15 -15.51
N PRO A 50 -7.08 -0.81 -15.56
CA PRO A 50 -8.27 -0.25 -14.89
C PRO A 50 -8.12 -0.16 -13.37
N ASN A 51 -7.18 -0.93 -12.82
CA ASN A 51 -6.96 -0.97 -11.38
C ASN A 51 -5.75 -0.16 -10.90
N PHE A 52 -5.16 0.60 -11.82
CA PHE A 52 -4.03 1.47 -11.48
C PHE A 52 -4.50 2.56 -10.52
N ASP A 53 -3.78 2.68 -9.41
CA ASP A 53 -4.08 3.75 -8.46
C ASP A 53 -2.80 4.44 -8.04
N ALA A 54 -2.65 5.69 -8.49
CA ALA A 54 -1.44 6.47 -8.25
C ALA A 54 -1.16 6.65 -6.76
N GLY A 55 -2.21 6.74 -5.94
CA GLY A 55 -2.05 6.90 -4.49
C GLY A 55 -1.55 5.66 -3.76
N ARG A 56 -1.56 4.51 -4.43
CA ARG A 56 -1.21 3.25 -3.80
C ARG A 56 0.09 2.60 -4.39
N LEU A 57 0.86 3.39 -5.13
CA LEU A 57 2.10 2.90 -5.75
C LEU A 57 3.24 2.57 -4.75
N MET A 58 3.41 3.39 -3.72
CA MET A 58 4.44 3.13 -2.71
C MET A 58 4.30 1.76 -2.08
N GLY A 59 5.36 0.96 -2.18
CA GLY A 59 5.36 -0.37 -1.58
C GLY A 59 4.79 -1.44 -2.49
N ALA A 60 4.29 -1.04 -3.66
CA ALA A 60 3.73 -2.01 -4.59
C ALA A 60 4.84 -2.71 -5.37
N ASN A 61 4.57 -3.93 -5.80
CA ASN A 61 5.49 -4.62 -6.69
C ASN A 61 5.11 -4.35 -8.15
N ILE A 62 6.11 -4.07 -8.98
CA ILE A 62 5.86 -3.70 -10.38
C ILE A 62 5.45 -4.86 -11.30
N ASP A 63 5.72 -6.08 -10.86
CA ASP A 63 5.16 -7.30 -11.47
C ASP A 63 3.75 -7.04 -11.97
N VAL A 64 2.90 -6.53 -11.06
CA VAL A 64 1.47 -6.37 -11.35
C VAL A 64 1.17 -5.52 -12.57
N PHE A 65 2.13 -4.72 -13.02
CA PHE A 65 1.88 -3.89 -14.18
C PHE A 65 2.53 -4.46 -15.44
N HIS A 66 3.14 -5.64 -15.34
CA HIS A 66 3.92 -6.20 -16.44
C HIS A 66 3.28 -7.53 -16.91
N LYS A 67 3.08 -7.64 -18.22
CA LYS A 67 2.48 -8.85 -18.83
C LYS A 67 3.30 -10.11 -18.51
N ASN A 68 4.61 -10.01 -18.69
CA ASN A 68 5.52 -11.10 -18.38
C ASN A 68 6.48 -10.69 -17.27
N PRO A 69 6.05 -10.84 -16.02
CA PRO A 69 6.92 -10.34 -14.95
C PRO A 69 8.33 -10.92 -14.98
N ALA A 70 8.49 -12.16 -15.45
CA ALA A 70 9.83 -12.76 -15.48
C ALA A 70 10.78 -12.01 -16.42
N HIS A 71 10.22 -11.38 -17.45
CA HIS A 71 11.04 -10.64 -18.42
C HIS A 71 11.76 -9.46 -17.76
N GLN A 72 10.98 -8.53 -17.21
CA GLN A 72 11.54 -7.36 -16.54
C GLN A 72 12.49 -7.74 -15.40
N ARG A 73 12.16 -8.80 -14.66
CA ARG A 73 13.01 -9.17 -13.54
C ARG A 73 14.39 -9.61 -14.02
N HIS A 74 14.42 -10.33 -15.12
CA HIS A 74 15.69 -10.79 -15.66
C HIS A 74 16.45 -9.60 -16.22
N LEU A 75 15.78 -8.80 -17.05
CA LEU A 75 16.37 -7.61 -17.61
C LEU A 75 16.95 -6.71 -16.52
N LEU A 76 16.12 -6.34 -15.54
CA LEU A 76 16.56 -5.47 -14.44
C LEU A 76 17.67 -6.05 -13.59
N ALA A 77 17.61 -7.34 -13.28
CA ALA A 77 18.65 -7.93 -12.44
C ALA A 77 20.03 -7.87 -13.10
N ASN A 78 20.06 -7.71 -14.43
CA ASN A 78 21.30 -7.89 -15.17
C ASN A 78 21.83 -6.60 -15.79
N LEU A 79 21.08 -5.51 -15.61
CA LEU A 79 21.50 -4.18 -16.12
C LEU A 79 22.88 -3.77 -15.62
N THR A 80 23.76 -3.32 -16.51
CA THR A 80 25.01 -2.72 -16.05
C THR A 80 25.04 -1.22 -16.36
N GLY A 81 24.22 -0.78 -17.29
CA GLY A 81 24.12 0.63 -17.61
C GLY A 81 22.65 1.01 -17.78
N VAL A 82 22.39 2.24 -18.20
CA VAL A 82 21.03 2.70 -18.33
C VAL A 82 20.23 1.90 -19.35
N HIS A 83 18.95 1.68 -19.05
CA HIS A 83 18.03 1.09 -19.99
C HIS A 83 16.97 2.11 -20.33
N LYS A 84 16.80 2.41 -21.61
CA LYS A 84 15.80 3.39 -22.05
C LYS A 84 14.59 2.70 -22.69
N ALA A 85 13.50 2.62 -21.93
CA ALA A 85 12.27 2.02 -22.41
C ALA A 85 11.23 3.09 -22.76
N GLU A 86 10.35 2.79 -23.70
CA GLU A 86 9.27 3.73 -24.02
C GLU A 86 7.92 3.02 -23.85
N LEU A 87 7.01 3.64 -23.11
CA LEU A 87 5.70 3.05 -22.82
C LEU A 87 4.55 3.84 -23.45
N ASN A 88 3.50 3.12 -23.83
CA ASN A 88 2.24 3.74 -24.22
C ASN A 88 1.15 3.26 -23.25
N LEU A 89 0.64 4.18 -22.43
CA LEU A 89 -0.39 3.80 -21.47
C LEU A 89 -1.65 4.61 -21.67
N GLY A 90 -2.71 3.95 -22.13
CA GLY A 90 -3.99 4.59 -22.37
C GLY A 90 -3.86 5.77 -23.31
N GLY A 91 -2.94 5.67 -24.26
CA GLY A 91 -2.72 6.75 -25.22
C GLY A 91 -1.64 7.74 -24.82
N ARG A 92 -1.11 7.60 -23.60
CA ARG A 92 -0.03 8.43 -23.12
C ARG A 92 1.32 7.78 -23.36
N ARG A 93 2.30 8.57 -23.79
CA ARG A 93 3.64 8.06 -24.02
C ARG A 93 4.55 8.45 -22.86
N PHE A 94 5.34 7.50 -22.40
CA PHE A 94 6.30 7.77 -21.33
C PHE A 94 7.63 7.21 -21.76
N SER A 95 8.69 7.98 -21.50
CA SER A 95 10.04 7.47 -21.63
C SER A 95 10.52 7.13 -20.22
N LEU A 96 11.09 5.93 -20.05
CA LEU A 96 11.70 5.54 -18.80
C LEU A 96 13.21 5.47 -18.96
N ASP A 97 13.96 6.15 -18.09
CA ASP A 97 15.41 5.94 -18.02
C ASP A 97 15.71 5.18 -16.74
N VAL A 98 15.97 3.88 -16.87
CA VAL A 98 16.20 2.99 -15.74
C VAL A 98 17.69 2.91 -15.41
N VAL A 99 18.04 3.41 -14.23
CA VAL A 99 19.43 3.50 -13.78
C VAL A 99 19.70 2.52 -12.65
N PRO A 100 20.61 1.56 -12.89
CA PRO A 100 20.96 0.58 -11.87
C PRO A 100 21.80 1.25 -10.79
N VAL A 101 21.46 1.03 -9.53
CA VAL A 101 22.18 1.68 -8.44
C VAL A 101 23.06 0.65 -7.74
N PHE A 102 24.34 0.99 -7.60
CA PHE A 102 25.27 0.09 -6.94
C PHE A 102 25.86 0.81 -5.74
N ASN A 103 26.34 0.06 -4.75
CA ASN A 103 27.15 0.66 -3.68
C ASN A 103 28.61 0.75 -4.14
N ASP A 104 29.48 1.28 -3.29
CA ASP A 104 30.87 1.49 -3.70
C ASP A 104 31.67 0.18 -3.76
N ALA A 105 30.97 -0.93 -3.54
CA ALA A 105 31.54 -2.27 -3.62
C ALA A 105 31.00 -3.04 -4.84
N ASN A 106 30.23 -2.36 -5.69
CA ASN A 106 29.61 -2.97 -6.87
C ASN A 106 28.43 -3.91 -6.58
N ALA A 107 27.89 -3.89 -5.37
CA ALA A 107 26.72 -4.70 -5.06
C ALA A 107 25.42 -3.97 -5.45
N ARG A 108 24.62 -4.58 -6.32
CA ARG A 108 23.37 -3.96 -6.75
C ARG A 108 22.40 -3.74 -5.58
N LEU A 109 21.86 -2.53 -5.49
CA LEU A 109 20.94 -2.13 -4.41
C LEU A 109 19.50 -1.98 -4.90
N GLY A 110 19.33 -1.61 -6.16
CA GLY A 110 18.00 -1.46 -6.72
C GLY A 110 18.06 -0.68 -8.02
N SER A 111 16.97 0.04 -8.29
CA SER A 111 16.85 0.77 -9.56
C SER A 111 16.20 2.13 -9.32
N ALA A 112 16.83 3.16 -9.84
CA ALA A 112 16.24 4.50 -9.91
C ALA A 112 15.70 4.69 -11.33
N VAL A 113 14.44 5.07 -11.46
CA VAL A 113 13.86 5.24 -12.77
C VAL A 113 13.38 6.67 -12.97
N GLN A 114 13.89 7.37 -14.00
CA GLN A 114 13.32 8.65 -14.38
C GLN A 114 12.15 8.43 -15.34
N TRP A 115 11.03 9.09 -15.04
CA TRP A 115 9.88 9.09 -15.92
C TRP A 115 9.76 10.45 -16.61
N THR A 116 9.54 10.42 -17.91
CA THR A 116 9.13 11.61 -18.62
C THR A 116 7.83 11.39 -19.41
N ASP A 117 6.82 12.22 -19.15
CA ASP A 117 5.57 12.13 -19.89
C ASP A 117 5.72 12.89 -21.20
N ARG A 118 5.92 12.16 -22.31
CA ARG A 118 6.21 12.81 -23.59
C ARG A 118 5.01 13.59 -24.13
N THR A 119 3.81 13.14 -23.75
CA THR A 119 2.58 13.79 -24.20
C THR A 119 2.41 15.17 -23.58
N GLY B 1 -5.36 -12.09 7.56
CA GLY B 1 -5.39 -11.06 8.60
C GLY B 1 -4.89 -11.58 9.94
N SER B 2 -5.11 -10.78 10.98
CA SER B 2 -5.83 -9.52 10.85
C SER B 2 -4.85 -8.35 10.89
N HIS B 3 -4.87 -7.55 9.84
CA HIS B 3 -3.98 -6.43 9.70
C HIS B 3 -4.33 -5.34 10.68
N MET B 4 -5.63 -5.09 10.86
CA MET B 4 -6.11 -4.09 11.82
C MET B 4 -5.70 -4.43 13.25
N ALA B 5 -5.84 -5.70 13.64
CA ALA B 5 -5.42 -6.12 15.00
C ALA B 5 -3.91 -5.89 15.21
N ARG B 6 -3.09 -6.22 14.20
CA ARG B 6 -1.64 -5.91 14.25
C ARG B 6 -1.37 -4.43 14.42
N ILE B 7 -2.07 -3.61 13.64
CA ILE B 7 -1.88 -2.17 13.74
C ILE B 7 -2.33 -1.68 15.11
N ALA B 8 -3.51 -2.11 15.54
CA ALA B 8 -4.06 -1.65 16.81
C ALA B 8 -3.07 -1.94 17.94
N SER B 9 -2.57 -3.16 17.94
CA SER B 9 -1.66 -3.62 18.98
C SER B 9 -0.36 -2.85 18.94
N ALA B 10 0.20 -2.68 17.74
CA ALA B 10 1.45 -1.96 17.63
C ALA B 10 1.29 -0.53 18.17
N LEU B 11 0.09 0.05 18.05
CA LEU B 11 -0.12 1.46 18.39
C LEU B 11 -0.75 1.64 19.78
N ASP B 12 -1.07 0.53 20.45
CA ASP B 12 -1.81 0.64 21.70
C ASP B 12 -1.13 1.54 22.70
N ASN B 13 0.20 1.54 22.70
CA ASN B 13 0.94 2.31 23.68
C ASN B 13 1.72 3.52 23.16
N VAL B 14 1.45 3.99 21.95
CA VAL B 14 2.20 5.15 21.44
C VAL B 14 1.61 6.48 21.91
N SER B 15 2.38 7.56 21.77
CA SER B 15 1.92 8.86 22.25
C SER B 15 0.75 9.40 21.43
N ALA B 16 0.83 9.23 20.11
CA ALA B 16 -0.23 9.65 19.22
C ALA B 16 -1.56 9.01 19.64
N ASN B 17 -2.61 9.82 19.73
CA ASN B 17 -3.94 9.32 20.05
C ASN B 17 -4.52 8.67 18.80
N VAL B 18 -4.78 7.37 18.82
CA VAL B 18 -5.27 6.70 17.61
C VAL B 18 -6.50 5.86 17.83
N MET B 19 -7.47 6.06 16.94
CA MET B 19 -8.74 5.37 16.94
C MET B 19 -8.89 4.67 15.58
N ILE B 20 -9.45 3.45 15.57
CA ILE B 20 -9.61 2.72 14.34
C ILE B 20 -11.08 2.35 14.08
N ALA B 21 -11.58 2.68 12.89
CA ALA B 21 -12.95 2.31 12.52
C ALA B 21 -12.92 1.32 11.36
N ASP B 22 -13.91 0.44 11.31
CA ASP B 22 -13.98 -0.56 10.26
C ASP B 22 -14.68 0.02 9.02
N ASN B 23 -14.94 -0.81 8.02
CA ASN B 23 -15.57 -0.32 6.80
C ASN B 23 -17.00 0.17 7.02
N ASP B 24 -17.66 -0.31 8.08
CA ASP B 24 -19.02 0.14 8.39
C ASP B 24 -19.01 1.35 9.32
N LEU B 25 -17.82 1.88 9.60
CA LEU B 25 -17.67 3.08 10.44
C LEU B 25 -17.99 2.77 11.91
N ASN B 26 -17.89 1.51 12.27
CA ASN B 26 -17.86 1.13 13.68
C ASN B 26 -16.45 1.31 14.26
N ILE B 27 -16.36 1.93 15.44
CA ILE B 27 -15.09 2.03 16.15
C ILE B 27 -14.71 0.66 16.69
N ILE B 28 -13.55 0.16 16.25
CA ILE B 28 -13.14 -1.20 16.64
C ILE B 28 -11.86 -1.24 17.50
N TYR B 29 -11.12 -0.14 17.52
CA TYR B 29 -9.95 -0.03 18.38
C TYR B 29 -9.73 1.39 18.85
N MET B 30 -9.33 1.53 20.11
CA MET B 30 -8.89 2.83 20.61
C MET B 30 -7.63 2.59 21.41
N ASN B 31 -6.57 3.34 21.15
CA ASN B 31 -5.37 3.14 21.95
C ASN B 31 -5.51 3.88 23.27
N ARG B 32 -4.51 3.78 24.13
CA ARG B 32 -4.63 4.31 25.49
C ARG B 32 -4.72 5.81 25.55
N THR B 33 -3.87 6.49 24.79
CA THR B 33 -3.87 7.94 24.87
C THR B 33 -5.18 8.53 24.35
N VAL B 34 -5.77 7.93 23.30
CA VAL B 34 -6.98 8.53 22.77
C VAL B 34 -8.12 8.39 23.78
N SER B 35 -8.16 7.27 24.50
CA SER B 35 -9.20 7.03 25.53
C SER B 35 -9.08 8.05 26.65
N GLU B 36 -7.86 8.24 27.12
CA GLU B 36 -7.59 9.24 28.14
C GLU B 36 -7.84 10.66 27.65
N MET B 37 -7.41 10.96 26.43
CA MET B 37 -7.62 12.30 25.91
C MET B 37 -9.11 12.56 25.80
N LEU B 38 -9.87 11.59 25.31
CA LEU B 38 -11.31 11.85 25.15
C LEU B 38 -12.02 11.87 26.51
N GLY B 39 -11.49 11.13 27.48
CA GLY B 39 -11.99 11.25 28.84
C GLY B 39 -11.84 12.66 29.40
N ARG B 40 -10.67 13.26 29.23
CA ARG B 40 -10.47 14.64 29.71
C ARG B 40 -11.37 15.65 29.00
N ALA B 41 -11.62 15.43 27.72
CA ALA B 41 -12.39 16.37 26.91
C ALA B 41 -13.90 16.13 27.00
N GLU B 42 -14.29 15.17 27.83
CA GLU B 42 -15.69 14.74 27.88
C GLU B 42 -16.66 15.88 28.28
N ALA B 43 -16.34 16.63 29.34
CA ALA B 43 -17.23 17.70 29.81
C ALA B 43 -17.50 18.72 28.72
N ASP B 44 -16.44 19.22 28.10
CA ASP B 44 -16.61 20.20 27.04
C ASP B 44 -17.37 19.62 25.85
N ILE B 45 -17.03 18.41 25.43
CA ILE B 45 -17.69 17.82 24.27
C ILE B 45 -19.20 17.64 24.54
N ARG B 46 -19.56 17.49 25.81
CA ARG B 46 -20.97 17.32 26.19
C ARG B 46 -21.81 18.58 25.98
N LYS B 47 -21.17 19.75 26.00
CA LYS B 47 -21.86 21.01 25.74
C LYS B 47 -22.51 21.03 24.36
N GLN B 48 -21.89 20.34 23.41
CA GLN B 48 -22.39 20.27 22.04
C GLN B 48 -23.02 18.90 21.73
N LEU B 49 -22.51 17.85 22.37
CA LEU B 49 -23.07 16.50 22.24
C LEU B 49 -23.40 16.00 23.64
N PRO B 50 -24.62 16.32 24.13
CA PRO B 50 -24.94 16.10 25.54
C PRO B 50 -24.89 14.62 25.94
N ASN B 51 -25.01 13.73 24.95
CA ASN B 51 -25.03 12.29 25.20
C ASN B 51 -23.71 11.57 24.92
N PHE B 52 -22.66 12.33 24.64
CA PHE B 52 -21.33 11.79 24.41
C PHE B 52 -20.80 11.14 25.69
N ASP B 53 -20.37 9.89 25.57
CA ASP B 53 -19.78 9.20 26.71
C ASP B 53 -18.50 8.52 26.28
N ALA B 54 -17.39 9.05 26.75
CA ALA B 54 -16.07 8.56 26.35
C ALA B 54 -15.89 7.07 26.68
N GLY B 55 -16.51 6.60 27.77
CA GLY B 55 -16.41 5.20 28.16
C GLY B 55 -17.17 4.21 27.28
N ARG B 56 -18.05 4.72 26.42
CA ARG B 56 -18.91 3.88 25.61
C ARG B 56 -18.62 3.98 24.08
N LEU B 57 -17.47 4.54 23.72
CA LEU B 57 -17.09 4.71 22.31
C LEU B 57 -16.76 3.39 21.56
N MET B 58 -16.08 2.46 22.22
CA MET B 58 -15.78 1.18 21.61
C MET B 58 -17.01 0.47 21.10
N GLY B 59 -17.04 0.17 19.81
CA GLY B 59 -18.15 -0.54 19.20
C GLY B 59 -19.27 0.37 18.72
N ALA B 60 -19.14 1.67 18.98
CA ALA B 60 -20.16 2.61 18.55
C ALA B 60 -19.99 2.95 17.06
N ASN B 61 -21.09 3.31 16.44
CA ASN B 61 -21.02 3.82 15.07
C ASN B 61 -20.91 5.34 15.09
N ILE B 62 -20.02 5.87 14.25
CA ILE B 62 -19.73 7.31 14.24
C ILE B 62 -20.84 8.16 13.59
N ASP B 63 -21.70 7.52 12.80
CA ASP B 63 -22.94 8.13 12.33
C ASP B 63 -23.54 9.04 13.41
N VAL B 64 -23.71 8.48 14.60
CA VAL B 64 -24.40 9.18 15.70
C VAL B 64 -23.80 10.53 16.05
N PHE B 65 -22.55 10.77 15.66
CA PHE B 65 -21.92 12.05 16.00
C PHE B 65 -21.89 13.01 14.79
N HIS B 66 -22.47 12.59 13.68
CA HIS B 66 -22.37 13.34 12.42
C HIS B 66 -23.76 13.82 11.98
N LYS B 67 -23.87 15.11 11.67
CA LYS B 67 -25.13 15.73 11.22
C LYS B 67 -25.70 15.04 9.98
N ASN B 68 -24.85 14.83 8.99
CA ASN B 68 -25.21 14.15 7.75
C ASN B 68 -24.40 12.88 7.60
N PRO B 69 -24.86 11.79 8.22
CA PRO B 69 -24.03 10.59 8.19
C PRO B 69 -23.66 10.14 6.78
N ALA B 70 -24.53 10.39 5.80
CA ALA B 70 -24.22 9.97 4.42
C ALA B 70 -22.98 10.67 3.87
N HIS B 71 -22.72 11.89 4.34
CA HIS B 71 -21.57 12.65 3.87
C HIS B 71 -20.25 11.97 4.23
N GLN B 72 -20.01 11.77 5.52
CA GLN B 72 -18.81 11.10 5.98
C GLN B 72 -18.65 9.71 5.39
N ARG B 73 -19.75 8.98 5.25
CA ARG B 73 -19.64 7.64 4.71
C ARG B 73 -19.14 7.65 3.28
N HIS B 74 -19.61 8.60 2.49
CA HIS B 74 -19.20 8.67 1.11
C HIS B 74 -17.74 9.12 1.08
N LEU B 75 -17.43 10.19 1.81
CA LEU B 75 -16.07 10.69 1.89
C LEU B 75 -15.10 9.58 2.29
N LEU B 76 -15.37 8.94 3.43
CA LEU B 76 -14.50 7.87 3.93
C LEU B 76 -14.38 6.67 3.02
N ALA B 77 -15.49 6.25 2.41
CA ALA B 77 -15.41 5.07 1.54
C ALA B 77 -14.50 5.32 0.32
N ASN B 78 -14.24 6.58 -0.01
CA ASN B 78 -13.58 6.89 -1.28
C ASN B 78 -12.19 7.47 -1.11
N LEU B 79 -11.76 7.66 0.16
CA LEU B 79 -10.41 8.17 0.46
C LEU B 79 -9.30 7.33 -0.17
N THR B 80 -8.34 7.98 -0.82
CA THR B 80 -7.14 7.26 -1.27
C THR B 80 -5.91 7.71 -0.50
N GLY B 81 -5.97 8.88 0.10
CA GLY B 81 -4.86 9.37 0.91
C GLY B 81 -5.40 9.99 2.18
N VAL B 82 -4.52 10.59 2.96
CA VAL B 82 -4.93 11.12 4.24
C VAL B 82 -5.95 12.24 4.07
N HIS B 83 -6.93 12.30 4.97
CA HIS B 83 -7.88 13.40 5.00
C HIS B 83 -7.68 14.16 6.30
N LYS B 84 -7.45 15.46 6.20
CA LYS B 84 -7.22 16.31 7.38
C LYS B 84 -8.43 17.18 7.70
N ALA B 85 -9.18 16.77 8.71
CA ALA B 85 -10.36 17.52 9.14
C ALA B 85 -10.07 18.25 10.45
N GLU B 86 -10.75 19.37 10.66
CA GLU B 86 -10.63 20.08 11.93
C GLU B 86 -12.00 20.22 12.58
N LEU B 87 -12.09 19.85 13.85
CA LEU B 87 -13.36 19.89 14.59
C LEU B 87 -13.35 20.92 15.73
N ASN B 88 -14.52 21.50 15.98
CA ASN B 88 -14.72 22.32 17.17
C ASN B 88 -15.82 21.67 18.00
N LEU B 89 -15.47 21.14 19.16
CA LEU B 89 -16.47 20.48 20.01
C LEU B 89 -16.55 21.13 21.37
N GLY B 90 -17.65 21.82 21.63
CA GLY B 90 -17.85 22.48 22.92
C GLY B 90 -16.74 23.46 23.25
N GLY B 91 -16.19 24.08 22.21
CA GLY B 91 -15.11 25.05 22.40
C GLY B 91 -13.72 24.45 22.27
N ARG B 92 -13.63 23.13 22.17
CA ARG B 92 -12.37 22.44 21.97
C ARG B 92 -12.10 22.20 20.50
N ARG B 93 -10.85 22.44 20.08
CA ARG B 93 -10.45 22.20 18.70
C ARG B 93 -9.66 20.89 18.59
N PHE B 94 -10.01 20.11 17.59
CA PHE B 94 -9.33 18.85 17.34
C PHE B 94 -8.94 18.80 15.88
N SER B 95 -7.74 18.33 15.59
CA SER B 95 -7.34 17.99 14.24
C SER B 95 -7.48 16.49 14.11
N LEU B 96 -8.12 16.03 13.04
CA LEU B 96 -8.17 14.62 12.73
C LEU B 96 -7.31 14.34 11.50
N ASP B 97 -6.40 13.37 11.62
CA ASP B 97 -5.73 12.86 10.42
C ASP B 97 -6.29 11.47 10.11
N VAL B 98 -7.15 11.38 9.11
CA VAL B 98 -7.81 10.12 8.74
C VAL B 98 -7.02 9.38 7.66
N VAL B 99 -6.51 8.22 8.03
CA VAL B 99 -5.65 7.40 7.20
C VAL B 99 -6.38 6.13 6.76
N PRO B 100 -6.59 5.99 5.43
CA PRO B 100 -7.27 4.81 4.91
C PRO B 100 -6.33 3.62 5.00
N VAL B 101 -6.83 2.49 5.51
CA VAL B 101 -5.98 1.31 5.68
C VAL B 101 -6.34 0.28 4.63
N PHE B 102 -5.33 -0.20 3.92
CA PHE B 102 -5.53 -1.20 2.88
C PHE B 102 -4.72 -2.43 3.22
N ASN B 103 -5.12 -3.60 2.72
CA ASN B 103 -4.25 -4.77 2.78
C ASN B 103 -3.29 -4.73 1.58
N ASP B 104 -2.43 -5.74 1.49
CA ASP B 104 -1.41 -5.74 0.44
C ASP B 104 -1.99 -6.04 -0.95
N ALA B 105 -3.32 -6.17 -1.01
CA ALA B 105 -4.04 -6.40 -2.25
C ALA B 105 -4.88 -5.17 -2.64
N ASN B 106 -4.70 -4.08 -1.89
CA ASN B 106 -5.46 -2.85 -2.13
C ASN B 106 -6.94 -2.90 -1.71
N ALA B 107 -7.32 -3.90 -0.93
CA ALA B 107 -8.71 -3.95 -0.43
C ALA B 107 -8.84 -3.11 0.86
N ARG B 108 -9.71 -2.12 0.84
CA ARG B 108 -9.93 -1.28 2.01
C ARG B 108 -10.42 -2.08 3.23
N LEU B 109 -9.79 -1.86 4.37
CA LEU B 109 -10.11 -2.55 5.62
C LEU B 109 -10.79 -1.65 6.65
N GLY B 110 -10.49 -0.37 6.60
CA GLY B 110 -11.10 0.57 7.52
C GLY B 110 -10.32 1.86 7.56
N SER B 111 -10.38 2.51 8.71
CA SER B 111 -9.76 3.83 8.87
C SER B 111 -9.08 3.95 10.21
N ALA B 112 -7.82 4.36 10.18
CA ALA B 112 -7.12 4.75 11.40
C ALA B 112 -7.16 6.28 11.48
N VAL B 113 -7.58 6.81 12.62
CA VAL B 113 -7.65 8.26 12.76
C VAL B 113 -6.75 8.74 13.90
N GLN B 114 -5.80 9.64 13.60
CA GLN B 114 -5.07 10.31 14.67
C GLN B 114 -5.86 11.53 15.13
N TRP B 115 -6.02 11.65 16.44
CA TRP B 115 -6.63 12.82 17.05
C TRP B 115 -5.55 13.65 17.73
N THR B 116 -5.63 14.96 17.49
CA THR B 116 -4.84 15.88 18.28
C THR B 116 -5.70 16.99 18.90
N ASP B 117 -5.64 17.11 20.22
CA ASP B 117 -6.38 18.18 20.90
C ASP B 117 -5.57 19.47 20.84
N ARG B 118 -5.93 20.37 19.94
CA ARG B 118 -5.13 21.59 19.72
C ARG B 118 -5.22 22.54 20.93
N THR B 119 -6.32 22.47 21.66
CA THR B 119 -6.51 23.32 22.82
C THR B 119 -5.59 22.92 23.98
N GLY C 1 4.81 -5.04 -1.96
CA GLY C 1 5.93 -5.89 -1.59
C GLY C 1 6.72 -5.37 -0.41
N SER C 2 6.80 -4.05 -0.27
CA SER C 2 7.55 -3.49 0.85
C SER C 2 6.59 -2.89 1.85
N HIS C 3 6.66 -3.44 3.05
CA HIS C 3 5.80 -3.01 4.12
C HIS C 3 6.24 -1.66 4.64
N MET C 4 7.57 -1.47 4.72
CA MET C 4 8.11 -0.21 5.21
C MET C 4 7.67 0.94 4.32
N ALA C 5 7.74 0.76 3.01
CA ALA C 5 7.32 1.82 2.05
C ALA C 5 5.83 2.16 2.20
N ARG C 6 5.01 1.12 2.35
CA ARG C 6 3.57 1.30 2.59
C ARG C 6 3.31 2.11 3.84
N ILE C 7 3.98 1.78 4.94
CA ILE C 7 3.81 2.54 6.18
C ILE C 7 4.31 3.97 6.01
N ALA C 8 5.49 4.15 5.39
CA ALA C 8 6.03 5.48 5.18
C ALA C 8 5.05 6.32 4.38
N SER C 9 4.51 5.78 3.30
CA SER C 9 3.60 6.57 2.45
C SER C 9 2.34 6.95 3.23
N ALA C 10 1.76 5.99 3.93
CA ALA C 10 0.54 6.25 4.69
C ALA C 10 0.75 7.34 5.75
N LEU C 11 1.94 7.40 6.33
CA LEU C 11 2.20 8.31 7.43
C LEU C 11 2.88 9.61 6.99
N ASP C 12 3.14 9.75 5.69
CA ASP C 12 3.92 10.90 5.24
C ASP C 12 3.31 12.25 5.62
N ASN C 13 1.99 12.35 5.66
CA ASN C 13 1.33 13.62 5.90
CA ASN C 13 1.37 13.64 5.93
C ASN C 13 0.54 13.69 7.21
N VAL C 14 0.79 12.76 8.14
CA VAL C 14 0.06 12.83 9.42
C VAL C 14 0.78 13.75 10.39
N SER C 15 0.05 14.17 11.44
CA SER C 15 0.57 15.12 12.41
C SER C 15 1.73 14.56 13.21
N ALA C 16 1.58 13.30 13.62
CA ALA C 16 2.64 12.63 14.40
C ALA C 16 3.96 12.65 13.61
N ASN C 17 5.06 13.00 14.30
CA ASN C 17 6.39 12.95 13.72
C ASN C 17 6.86 11.50 13.68
N VAL C 18 7.12 10.98 12.49
CA VAL C 18 7.55 9.58 12.37
C VAL C 18 8.78 9.39 11.51
N MET C 19 9.73 8.66 12.08
CA MET C 19 10.99 8.34 11.44
C MET C 19 11.05 6.82 11.42
N ILE C 20 11.54 6.26 10.33
CA ILE C 20 11.63 4.81 10.22
C ILE C 20 13.08 4.35 9.97
N ALA C 21 13.51 3.35 10.74
CA ALA C 21 14.87 2.83 10.59
C ALA C 21 14.84 1.37 10.18
N ASP C 22 15.88 0.94 9.47
CA ASP C 22 15.93 -0.46 9.07
C ASP C 22 16.61 -1.32 10.14
N ASN C 23 16.83 -2.59 9.83
CA ASN C 23 17.40 -3.50 10.82
C ASN C 23 18.84 -3.15 11.22
N ASP C 24 19.51 -2.36 10.40
CA ASP C 24 20.87 -1.92 10.72
C ASP C 24 20.89 -0.55 11.38
N LEU C 25 19.70 -0.02 11.66
CA LEU C 25 19.55 1.27 12.31
C LEU C 25 19.88 2.43 11.37
N ASN C 26 19.83 2.17 10.08
CA ASN C 26 19.89 3.25 9.08
C ASN C 26 18.52 3.88 8.93
N ILE C 27 18.47 5.21 8.94
CA ILE C 27 17.24 5.94 8.71
C ILE C 27 16.82 5.88 7.22
N ILE C 28 15.64 5.30 6.97
CA ILE C 28 15.17 5.08 5.60
C ILE C 28 13.93 5.88 5.21
N TYR C 29 13.21 6.41 6.21
CA TYR C 29 12.09 7.30 5.94
C TYR C 29 11.92 8.32 7.05
N MET C 30 11.53 9.54 6.69
CA MET C 30 11.11 10.56 7.63
C MET C 30 9.88 11.24 7.05
N ASN C 31 8.82 11.36 7.83
CA ASN C 31 7.65 12.02 7.32
C ASN C 31 7.85 13.54 7.42
N ARG C 32 6.85 14.32 7.00
CA ARG C 32 7.03 15.77 6.87
C ARG C 32 7.12 16.47 8.21
N THR C 33 6.26 16.12 9.16
CA THR C 33 6.32 16.79 10.46
C THR C 33 7.63 16.51 11.21
N VAL C 34 8.20 15.32 11.07
CA VAL C 34 9.42 15.03 11.82
C VAL C 34 10.60 15.82 11.25
N SER C 35 10.64 15.94 9.93
CA SER C 35 11.69 16.71 9.27
C SER C 35 11.60 18.17 9.69
N GLU C 36 10.38 18.70 9.65
CA GLU C 36 10.18 20.08 10.07
C GLU C 36 10.51 20.27 11.54
N MET C 37 10.08 19.35 12.38
CA MET C 37 10.34 19.46 13.83
C MET C 37 11.85 19.47 14.10
N LEU C 38 12.59 18.55 13.48
CA LEU C 38 14.00 18.45 13.73
C LEU C 38 14.79 19.63 13.16
N GLY C 39 14.27 20.21 12.07
CA GLY C 39 14.86 21.43 11.56
C GLY C 39 14.78 22.55 12.60
N ARG C 40 13.61 22.75 13.19
CA ARG C 40 13.45 23.75 14.24
C ARG C 40 14.32 23.45 15.47
N ALA C 41 14.50 22.16 15.78
CA ALA C 41 15.21 21.78 16.99
C ALA C 41 16.71 21.76 16.78
N GLU C 42 17.13 22.05 15.55
CA GLU C 42 18.52 21.83 15.18
C GLU C 42 19.50 22.65 16.03
N ALA C 43 19.22 23.93 16.21
CA ALA C 43 20.11 24.79 16.98
C ALA C 43 20.35 24.21 18.38
N ASP C 44 19.26 23.91 19.08
CA ASP C 44 19.36 23.37 20.43
C ASP C 44 20.13 22.05 20.47
N ILE C 45 19.86 21.16 19.52
CA ILE C 45 20.50 19.84 19.50
C ILE C 45 22.00 19.93 19.27
N ARG C 46 22.43 20.99 18.57
CA ARG C 46 23.84 21.14 18.22
C ARG C 46 24.71 21.47 19.44
N LYS C 47 24.10 22.11 20.45
CA LYS C 47 24.82 22.44 21.68
C LYS C 47 25.41 21.18 22.31
N GLN C 48 24.72 20.06 22.14
CA GLN C 48 25.15 18.78 22.67
C GLN C 48 25.73 17.89 21.56
N LEU C 49 25.21 18.05 20.34
CA LEU C 49 25.70 17.33 19.17
C LEU C 49 26.01 18.35 18.09
N PRO C 50 27.26 18.87 18.08
CA PRO C 50 27.63 20.02 17.25
C PRO C 50 27.60 19.71 15.76
N ASN C 51 27.72 18.43 15.41
CA ASN C 51 27.78 18.02 14.02
C ASN C 51 26.45 17.45 13.52
N PHE C 52 25.42 17.52 14.36
CA PHE C 52 24.09 17.07 13.99
C PHE C 52 23.59 17.96 12.86
N ASP C 53 23.10 17.33 11.79
CA ASP C 53 22.54 18.08 10.68
C ASP C 53 21.21 17.47 10.22
N ALA C 54 20.12 18.17 10.51
CA ALA C 54 18.77 17.68 10.25
C ALA C 54 18.51 17.42 8.77
N GLY C 55 19.08 18.25 7.91
CA GLY C 55 18.90 18.07 6.48
C GLY C 55 19.61 16.84 5.96
N ARG C 56 20.45 16.23 6.79
CA ARG C 56 21.26 15.09 6.35
C ARG C 56 20.93 13.78 7.05
N LEU C 57 19.82 13.72 7.78
CA LEU C 57 19.42 12.51 8.52
C LEU C 57 19.07 11.31 7.62
N MET C 58 18.38 11.55 6.50
CA MET C 58 18.02 10.45 5.60
C MET C 58 19.25 9.68 5.16
N GLY C 59 19.29 8.38 5.48
CA GLY C 59 20.42 7.56 5.09
C GLY C 59 21.56 7.58 6.10
N ALA C 60 21.40 8.35 7.17
CA ALA C 60 22.37 8.32 8.26
C ALA C 60 22.08 7.13 9.19
N ASN C 61 23.12 6.68 9.89
CA ASN C 61 22.94 5.65 10.91
C ASN C 61 22.75 6.30 12.29
N ILE C 62 21.88 5.77 13.13
CA ILE C 62 21.66 6.42 14.42
C ILE C 62 22.81 6.18 15.43
N ASP C 63 23.66 5.19 15.15
CA ASP C 63 24.91 5.01 15.91
C ASP C 63 25.57 6.32 16.27
N VAL C 64 25.80 7.12 15.25
CA VAL C 64 26.59 8.34 15.36
C VAL C 64 26.05 9.28 16.44
N PHE C 65 24.79 9.08 16.81
CA PHE C 65 24.16 9.89 17.83
C PHE C 65 24.15 9.20 19.19
N HIS C 66 24.80 8.06 19.27
CA HIS C 66 24.82 7.25 20.49
C HIS C 66 26.25 7.05 21.03
N LYS C 67 26.44 7.29 22.32
CA LYS C 67 27.72 7.09 22.99
C LYS C 67 28.20 5.65 22.84
N ASN C 68 27.34 4.73 23.24
CA ASN C 68 27.65 3.30 23.18
C ASN C 68 26.73 2.61 22.20
N PRO C 69 27.09 2.64 20.90
CA PRO C 69 26.25 2.09 19.83
C PRO C 69 25.83 0.61 20.03
N ALA C 70 26.65 -0.18 20.71
CA ALA C 70 26.33 -1.59 20.94
C ALA C 70 25.08 -1.78 21.81
N HIS C 71 24.82 -0.84 22.71
CA HIS C 71 23.66 -0.95 23.61
C HIS C 71 22.30 -0.85 22.89
N GLN C 72 22.06 0.27 22.19
CA GLN C 72 20.80 0.45 21.42
C GLN C 72 20.56 -0.64 20.37
N ARG C 73 21.63 -1.14 19.74
CA ARG C 73 21.50 -2.18 18.72
C ARG C 73 20.98 -3.48 19.29
N HIS C 74 21.44 -3.80 20.50
CA HIS C 74 21.00 -5.00 21.19
C HIS C 74 19.56 -4.84 21.67
N LEU C 75 19.28 -3.74 22.36
CA LEU C 75 17.93 -3.44 22.85
C LEU C 75 16.95 -3.50 21.69
N LEU C 76 17.22 -2.68 20.67
CA LEU C 76 16.38 -2.56 19.48
C LEU C 76 16.24 -3.89 18.71
N ALA C 77 17.33 -4.65 18.62
CA ALA C 77 17.32 -5.93 17.91
C ALA C 77 16.42 -6.96 18.59
N ASN C 78 16.08 -6.70 19.86
CA ASN C 78 15.36 -7.65 20.70
C ASN C 78 13.94 -7.23 21.12
N LEU C 79 13.55 -6.01 20.74
CA LEU C 79 12.22 -5.49 21.05
C LEU C 79 11.12 -6.44 20.59
N THR C 80 10.16 -6.70 21.47
CA THR C 80 8.96 -7.42 21.06
C THR C 80 7.76 -6.47 21.06
N GLY C 81 7.89 -5.36 21.79
CA GLY C 81 6.88 -4.32 21.85
C GLY C 81 7.44 -2.91 21.90
N VAL C 82 6.56 -1.93 22.02
CA VAL C 82 6.94 -0.51 21.98
C VAL C 82 7.98 -0.20 23.07
N HIS C 83 8.98 0.60 22.75
CA HIS C 83 9.92 1.09 23.76
C HIS C 83 9.82 2.61 23.88
N LYS C 84 9.56 3.09 25.09
CA LYS C 84 9.44 4.53 25.34
C LYS C 84 10.68 5.07 26.06
N ALA C 85 11.56 5.68 25.27
CA ALA C 85 12.76 6.29 25.80
C ALA C 85 12.50 7.79 25.90
N GLU C 86 13.14 8.46 26.84
CA GLU C 86 13.00 9.90 26.96
C GLU C 86 14.32 10.63 26.90
N LEU C 87 14.47 11.50 25.90
CA LEU C 87 15.75 12.16 25.66
C LEU C 87 15.73 13.63 26.01
N ASN C 88 16.87 14.09 26.50
CA ASN C 88 17.13 15.49 26.66
C ASN C 88 18.30 15.83 25.74
N LEU C 89 18.04 16.63 24.71
CA LEU C 89 19.08 17.02 23.76
C LEU C 89 19.24 18.52 23.74
N GLY C 90 20.36 19.01 24.28
CA GLY C 90 20.64 20.43 24.26
C GLY C 90 19.57 21.28 24.94
N GLY C 91 18.95 20.72 25.98
CA GLY C 91 17.93 21.44 26.72
C GLY C 91 16.52 21.12 26.21
N ARG C 92 16.45 20.40 25.10
CA ARG C 92 15.15 20.00 24.58
C ARG C 92 14.77 18.61 25.02
N ARG C 93 13.49 18.46 25.36
CA ARG C 93 12.98 17.17 25.78
C ARG C 93 12.22 16.48 24.65
N PHE C 94 12.52 15.21 24.43
CA PHE C 94 11.81 14.41 23.44
C PHE C 94 11.37 13.09 24.05
N SER C 95 10.13 12.68 23.77
CA SER C 95 9.70 11.32 24.07
C SER C 95 9.76 10.54 22.77
N LEU C 96 10.39 9.38 22.80
CA LEU C 96 10.42 8.51 21.62
C LEU C 96 9.52 7.32 21.85
N ASP C 97 8.65 7.02 20.89
CA ASP C 97 7.93 5.74 20.88
C ASP C 97 8.47 4.84 19.78
N VAL C 98 9.26 3.86 20.18
CA VAL C 98 9.92 2.95 19.22
C VAL C 98 9.10 1.70 18.99
N VAL C 99 8.61 1.55 17.75
CA VAL C 99 7.70 0.45 17.40
C VAL C 99 8.35 -0.53 16.43
N PRO C 100 8.55 -1.77 16.89
CA PRO C 100 9.15 -2.80 16.04
C PRO C 100 8.20 -3.21 14.93
N VAL C 101 8.70 -3.29 13.71
CA VAL C 101 7.88 -3.65 12.56
C VAL C 101 8.23 -5.03 12.06
N PHE C 102 7.22 -5.87 11.85
CA PHE C 102 7.40 -7.24 11.38
C PHE C 102 6.63 -7.49 10.08
N ASN C 103 7.09 -8.49 9.32
CA ASN C 103 6.34 -9.03 8.19
C ASN C 103 5.37 -10.10 8.69
N ASP C 104 4.68 -10.76 7.76
CA ASP C 104 3.65 -11.74 8.12
C ASP C 104 4.20 -13.08 8.62
N ALA C 105 5.52 -13.20 8.65
CA ALA C 105 6.19 -14.40 9.12
C ALA C 105 6.88 -14.12 10.45
N ASN C 106 6.61 -12.95 11.01
CA ASN C 106 7.23 -12.55 12.25
C ASN C 106 8.69 -12.16 12.10
N ALA C 107 9.15 -11.99 10.86
CA ALA C 107 10.53 -11.55 10.62
C ALA C 107 10.62 -10.03 10.76
N ARG C 108 11.47 -9.58 11.66
CA ARG C 108 11.68 -8.17 11.93
C ARG C 108 12.18 -7.40 10.69
N LEU C 109 11.56 -6.24 10.41
CA LEU C 109 11.97 -5.43 9.24
C LEU C 109 12.70 -4.15 9.62
N GLY C 110 12.39 -3.63 10.80
CA GLY C 110 13.01 -2.41 11.28
C GLY C 110 12.19 -1.81 12.41
N SER C 111 12.23 -0.48 12.53
CA SER C 111 11.60 0.25 13.61
C SER C 111 10.93 1.54 13.14
N ALA C 112 9.68 1.72 13.56
CA ALA C 112 8.99 3.00 13.40
C ALA C 112 9.11 3.75 14.71
N VAL C 113 9.61 4.98 14.63
CA VAL C 113 9.77 5.80 15.81
C VAL C 113 8.95 7.07 15.76
N GLN C 114 8.05 7.23 16.73
CA GLN C 114 7.36 8.49 16.89
C GLN C 114 8.19 9.42 17.79
N TRP C 115 8.38 10.66 17.33
CA TRP C 115 9.05 11.67 18.14
C TRP C 115 8.01 12.66 18.65
N THR C 116 8.07 12.96 19.94
CA THR C 116 7.29 14.05 20.48
C THR C 116 8.23 15.01 21.19
N ASP C 117 8.22 16.25 20.74
CA ASP C 117 9.01 17.32 21.34
C ASP C 117 8.24 17.90 22.51
N ARG C 118 8.58 17.49 23.74
CA ARG C 118 7.84 17.89 24.93
C ARG C 118 8.00 19.38 25.27
N THR C 119 9.15 19.93 24.90
CA THR C 119 9.49 21.32 25.23
C THR C 119 8.62 22.32 24.47
N GLY D 1 -18.66 -31.41 -36.51
CA GLY D 1 -17.37 -30.94 -36.02
C GLY D 1 -17.49 -29.77 -35.05
N SER D 2 -17.13 -30.02 -33.79
CA SER D 2 -17.12 -28.94 -32.82
C SER D 2 -15.67 -28.58 -32.56
N HIS D 3 -15.36 -27.33 -32.84
CA HIS D 3 -14.01 -26.84 -32.69
C HIS D 3 -13.68 -26.72 -31.21
N MET D 4 -14.67 -26.26 -30.42
CA MET D 4 -14.48 -26.10 -28.99
C MET D 4 -14.15 -27.43 -28.32
N ALA D 5 -14.87 -28.49 -28.68
CA ALA D 5 -14.61 -29.82 -28.14
C ALA D 5 -13.21 -30.33 -28.50
N ARG D 6 -12.80 -30.10 -29.76
CA ARG D 6 -11.44 -30.46 -30.20
C ARG D 6 -10.38 -29.74 -29.39
N ILE D 7 -10.55 -28.43 -29.20
CA ILE D 7 -9.60 -27.67 -28.38
C ILE D 7 -9.60 -28.16 -26.93
N ALA D 8 -10.78 -28.36 -26.33
CA ALA D 8 -10.86 -28.85 -24.95
C ALA D 8 -10.14 -30.16 -24.80
N SER D 9 -10.39 -31.08 -25.72
CA SER D 9 -9.76 -32.42 -25.60
C SER D 9 -8.24 -32.31 -25.73
N ALA D 10 -7.77 -31.54 -26.70
CA ALA D 10 -6.33 -31.38 -26.90
C ALA D 10 -5.64 -30.78 -25.66
N LEU D 11 -6.33 -29.89 -24.96
CA LEU D 11 -5.71 -29.17 -23.85
C LEU D 11 -6.03 -29.79 -22.48
N ASP D 12 -6.80 -30.87 -22.46
CA ASP D 12 -7.26 -31.39 -21.18
C ASP D 12 -6.12 -31.76 -20.22
N ASN D 13 -5.00 -32.23 -20.76
N ASN D 13 -4.99 -32.18 -20.75
CA ASN D 13 -3.91 -32.69 -19.93
CA ASN D 13 -3.92 -32.64 -19.87
C ASN D 13 -2.63 -31.85 -19.96
C ASN D 13 -2.60 -31.86 -20.00
N VAL D 14 -2.68 -30.62 -20.49
CA VAL D 14 -1.49 -29.77 -20.54
C VAL D 14 -1.32 -29.00 -19.25
N SER D 15 -0.10 -28.49 -19.03
CA SER D 15 0.24 -27.80 -17.80
C SER D 15 -0.54 -26.51 -17.64
N ALA D 16 -0.67 -25.77 -18.73
CA ALA D 16 -1.42 -24.50 -18.69
C ALA D 16 -2.85 -24.75 -18.19
N ASN D 17 -3.30 -23.90 -17.27
CA ASN D 17 -4.68 -23.92 -16.80
C ASN D 17 -5.58 -23.28 -17.85
N VAL D 18 -6.52 -24.04 -18.40
CA VAL D 18 -7.41 -23.49 -19.44
C VAL D 18 -8.90 -23.76 -19.20
N MET D 19 -9.65 -22.68 -19.29
CA MET D 19 -11.09 -22.69 -19.11
C MET D 19 -11.68 -22.15 -20.40
N ILE D 20 -12.77 -22.74 -20.86
CA ILE D 20 -13.40 -22.31 -22.10
C ILE D 20 -14.84 -21.86 -21.89
N ALA D 21 -15.18 -20.69 -22.43
CA ALA D 21 -16.53 -20.17 -22.29
C ALA D 21 -17.20 -20.03 -23.64
N ASP D 22 -18.52 -20.16 -23.66
CA ASP D 22 -19.24 -20.01 -24.92
C ASP D 22 -19.58 -18.54 -25.17
N ASN D 23 -20.36 -18.27 -26.20
CA ASN D 23 -20.67 -16.89 -26.56
C ASN D 23 -21.53 -16.17 -25.53
N ASP D 24 -22.20 -16.93 -24.67
CA ASP D 24 -23.02 -16.35 -23.62
C ASP D 24 -22.26 -16.27 -22.31
N LEU D 25 -20.97 -16.60 -22.36
CA LEU D 25 -20.10 -16.55 -21.19
C LEU D 25 -20.41 -17.67 -20.20
N ASN D 26 -21.06 -18.72 -20.67
CA ASN D 26 -21.19 -19.94 -19.86
C ASN D 26 -19.91 -20.75 -19.97
N ILE D 27 -19.41 -21.23 -18.82
CA ILE D 27 -18.26 -22.12 -18.81
C ILE D 27 -18.63 -23.53 -19.31
N ILE D 28 -17.98 -23.95 -20.39
CA ILE D 28 -18.31 -25.23 -21.03
C ILE D 28 -17.20 -26.29 -20.98
N TYR D 29 -15.98 -25.86 -20.69
CA TYR D 29 -14.87 -26.78 -20.46
C TYR D 29 -13.89 -26.22 -19.46
N MET D 30 -13.32 -27.09 -18.64
CA MET D 30 -12.19 -26.77 -17.77
C MET D 30 -11.24 -27.94 -17.84
N ASN D 31 -9.96 -27.68 -18.07
CA ASN D 31 -9.01 -28.76 -18.13
C ASN D 31 -8.59 -29.13 -16.71
N ARG D 32 -7.71 -30.11 -16.56
CA ARG D 32 -7.40 -30.67 -15.25
C ARG D 32 -6.63 -29.71 -14.36
N THR D 33 -5.60 -29.06 -14.89
CA THR D 33 -4.83 -28.14 -14.05
C THR D 33 -5.65 -26.94 -13.56
N VAL D 34 -6.60 -26.44 -14.36
CA VAL D 34 -7.34 -25.27 -13.92
C VAL D 34 -8.30 -25.66 -12.79
N SER D 35 -8.90 -26.84 -12.90
CA SER D 35 -9.80 -27.33 -11.87
C SER D 35 -9.04 -27.52 -10.56
N GLU D 36 -7.88 -28.14 -10.66
CA GLU D 36 -7.06 -28.33 -9.48
C GLU D 36 -6.59 -27.01 -8.90
N MET D 37 -6.14 -26.09 -9.75
CA MET D 37 -5.66 -24.80 -9.28
C MET D 37 -6.75 -24.03 -8.52
N LEU D 38 -7.95 -24.02 -9.09
CA LEU D 38 -9.05 -23.27 -8.50
C LEU D 38 -9.57 -23.94 -7.23
N GLY D 39 -9.43 -25.26 -7.15
CA GLY D 39 -9.74 -25.95 -5.91
C GLY D 39 -8.84 -25.46 -4.79
N ARG D 40 -7.53 -25.40 -5.03
CA ARG D 40 -6.57 -24.90 -4.04
C ARG D 40 -6.81 -23.43 -3.68
N ALA D 41 -7.24 -22.63 -4.65
CA ALA D 41 -7.39 -21.20 -4.43
C ALA D 41 -8.74 -20.86 -3.82
N GLU D 42 -9.54 -21.89 -3.60
CA GLU D 42 -10.94 -21.67 -3.23
C GLU D 42 -11.07 -20.89 -1.92
N ALA D 43 -10.31 -21.28 -0.89
CA ALA D 43 -10.39 -20.62 0.41
C ALA D 43 -10.14 -19.12 0.27
N ASP D 44 -9.04 -18.75 -0.37
CA ASP D 44 -8.70 -17.35 -0.57
C ASP D 44 -9.77 -16.60 -1.36
N ILE D 45 -10.28 -17.20 -2.43
CA ILE D 45 -11.25 -16.53 -3.29
C ILE D 45 -12.56 -16.25 -2.56
N ARG D 46 -12.87 -17.09 -1.58
CA ARG D 46 -14.13 -16.98 -0.86
C ARG D 46 -14.18 -15.74 0.05
N LYS D 47 -13.01 -15.28 0.49
CA LYS D 47 -12.92 -14.08 1.33
C LYS D 47 -13.56 -12.89 0.63
N GLN D 48 -13.45 -12.88 -0.70
CA GLN D 48 -14.02 -11.82 -1.54
C GLN D 48 -15.31 -12.28 -2.23
N LEU D 49 -15.36 -13.57 -2.55
CA LEU D 49 -16.55 -14.18 -3.16
C LEU D 49 -16.95 -15.39 -2.32
N PRO D 50 -17.79 -15.18 -1.30
CA PRO D 50 -18.09 -16.19 -0.29
C PRO D 50 -18.86 -17.38 -0.83
N ASN D 51 -19.55 -17.17 -1.94
CA ASN D 51 -20.40 -18.20 -2.53
C ASN D 51 -19.74 -18.87 -3.73
N PHE D 52 -18.48 -18.51 -3.98
CA PHE D 52 -17.71 -19.12 -5.05
C PHE D 52 -17.49 -20.59 -4.70
N ASP D 53 -17.79 -21.46 -5.65
CA ASP D 53 -17.56 -22.89 -5.43
C ASP D 53 -16.90 -23.52 -6.65
N ALA D 54 -15.63 -23.89 -6.49
CA ALA D 54 -14.82 -24.40 -7.60
C ALA D 54 -15.37 -25.69 -8.21
N GLY D 55 -15.97 -26.53 -7.37
CA GLY D 55 -16.54 -27.77 -7.85
C GLY D 55 -17.78 -27.55 -8.70
N ARG D 56 -18.30 -26.33 -8.70
CA ARG D 56 -19.55 -26.04 -9.40
C ARG D 56 -19.42 -25.07 -10.57
N LEU D 57 -18.19 -24.81 -11.01
CA LEU D 57 -17.94 -23.87 -12.11
C LEU D 57 -18.47 -24.34 -13.48
N MET D 58 -18.34 -25.64 -13.79
CA MET D 58 -18.82 -26.17 -15.06
C MET D 58 -20.30 -25.87 -15.26
N GLY D 59 -20.62 -25.11 -16.30
CA GLY D 59 -22.01 -24.78 -16.58
C GLY D 59 -22.48 -23.51 -15.89
N ALA D 60 -21.60 -22.91 -15.09
CA ALA D 60 -21.91 -21.62 -14.48
C ALA D 60 -21.63 -20.49 -15.47
N ASN D 61 -22.32 -19.37 -15.30
CA ASN D 61 -22.05 -18.17 -16.07
C ASN D 61 -21.07 -17.26 -15.35
N ILE D 62 -20.13 -16.64 -16.07
CA ILE D 62 -19.15 -15.81 -15.37
C ILE D 62 -19.71 -14.46 -14.87
N ASP D 63 -20.87 -14.05 -15.39
CA ASP D 63 -21.61 -12.91 -14.85
C ASP D 63 -21.54 -12.84 -13.35
N VAL D 64 -21.92 -13.94 -12.71
CA VAL D 64 -22.11 -14.00 -11.27
C VAL D 64 -20.84 -13.59 -10.51
N PHE D 65 -19.70 -13.63 -11.19
CA PHE D 65 -18.44 -13.24 -10.58
C PHE D 65 -18.02 -11.82 -10.95
N HIS D 66 -18.91 -11.11 -11.63
CA HIS D 66 -18.64 -9.77 -12.11
C HIS D 66 -19.64 -8.73 -11.54
N LYS D 67 -19.10 -7.62 -11.01
CA LYS D 67 -19.92 -6.54 -10.48
C LYS D 67 -20.86 -5.98 -11.54
N ASN D 68 -20.29 -5.60 -12.67
CA ASN D 68 -21.05 -5.04 -13.78
C ASN D 68 -20.99 -5.96 -14.99
N PRO D 69 -21.88 -6.97 -15.01
CA PRO D 69 -21.87 -8.00 -16.06
C PRO D 69 -21.94 -7.46 -17.51
N ALA D 70 -22.58 -6.30 -17.70
CA ALA D 70 -22.70 -5.72 -19.04
C ALA D 70 -21.34 -5.30 -19.63
N HIS D 71 -20.38 -4.94 -18.77
CA HIS D 71 -19.05 -4.52 -19.24
C HIS D 71 -18.23 -5.65 -19.90
N GLN D 72 -17.96 -6.73 -19.16
CA GLN D 72 -17.23 -7.88 -19.71
C GLN D 72 -17.88 -8.48 -20.97
N ARG D 73 -19.21 -8.52 -21.01
CA ARG D 73 -19.93 -9.08 -22.15
C ARG D 73 -19.68 -8.30 -23.42
N HIS D 74 -19.61 -6.98 -23.28
CA HIS D 74 -19.32 -6.10 -24.40
C HIS D 74 -17.87 -6.24 -24.84
N LEU D 75 -16.94 -6.11 -23.89
CA LEU D 75 -15.51 -6.24 -24.19
C LEU D 75 -15.27 -7.57 -24.89
N LEU D 76 -15.69 -8.64 -24.22
CA LEU D 76 -15.53 -10.01 -24.72
C LEU D 76 -16.22 -10.26 -26.07
N ALA D 77 -17.42 -9.69 -26.26
CA ALA D 77 -18.17 -9.86 -27.50
C ALA D 77 -17.46 -9.22 -28.69
N ASN D 78 -16.51 -8.32 -28.42
CA ASN D 78 -15.87 -7.49 -29.44
C ASN D 78 -14.37 -7.76 -29.64
N LEU D 79 -13.80 -8.64 -28.82
CA LEU D 79 -12.38 -9.00 -28.93
C LEU D 79 -12.02 -9.43 -30.34
N THR D 80 -10.91 -8.92 -30.84
CA THR D 80 -10.36 -9.42 -32.10
C THR D 80 -9.06 -10.20 -31.84
N GLY D 81 -8.43 -9.91 -30.69
CA GLY D 81 -7.22 -10.59 -30.26
C GLY D 81 -7.20 -10.84 -28.75
N VAL D 82 -6.08 -11.38 -28.26
CA VAL D 82 -5.95 -11.78 -26.85
C VAL D 82 -6.19 -10.58 -25.93
N HIS D 83 -6.89 -10.80 -24.81
CA HIS D 83 -7.03 -9.78 -23.78
C HIS D 83 -6.37 -10.26 -22.50
N LYS D 84 -5.45 -9.46 -21.97
CA LYS D 84 -4.73 -9.81 -20.75
C LYS D 84 -5.22 -8.96 -19.56
N ALA D 85 -6.08 -9.57 -18.76
CA ALA D 85 -6.60 -8.93 -17.56
C ALA D 85 -5.82 -9.47 -16.36
N GLU D 86 -5.70 -8.65 -15.32
CA GLU D 86 -5.05 -9.11 -14.10
C GLU D 86 -5.92 -8.97 -12.88
N LEU D 87 -6.22 -10.10 -12.22
CA LEU D 87 -7.16 -10.10 -11.11
C LEU D 87 -6.48 -10.31 -9.77
N ASN D 88 -7.05 -9.66 -8.77
CA ASN D 88 -6.71 -9.92 -7.39
C ASN D 88 -7.96 -10.45 -6.71
N LEU D 89 -7.94 -11.73 -6.31
CA LEU D 89 -9.09 -12.35 -5.63
C LEU D 89 -8.72 -12.84 -4.26
N GLY D 90 -9.23 -12.17 -3.23
CA GLY D 90 -8.97 -12.60 -1.86
C GLY D 90 -7.50 -12.67 -1.50
N GLY D 91 -6.71 -11.78 -2.06
CA GLY D 91 -5.28 -11.73 -1.80
C GLY D 91 -4.48 -12.51 -2.83
N ARG D 92 -5.18 -13.24 -3.70
CA ARG D 92 -4.51 -13.99 -4.73
C ARG D 92 -4.48 -13.24 -6.06
N ARG D 93 -3.32 -13.31 -6.72
CA ARG D 93 -3.14 -12.66 -8.00
C ARG D 93 -3.25 -13.67 -9.14
N PHE D 94 -4.04 -13.32 -10.14
CA PHE D 94 -4.17 -14.16 -11.33
C PHE D 94 -3.99 -13.32 -12.58
N SER D 95 -3.24 -13.84 -13.56
CA SER D 95 -3.22 -13.24 -14.89
C SER D 95 -4.13 -14.07 -15.77
N LEU D 96 -5.04 -13.40 -16.49
CA LEU D 96 -5.89 -14.10 -17.44
C LEU D 96 -5.47 -13.78 -18.86
N ASP D 97 -5.28 -14.81 -19.68
CA ASP D 97 -5.12 -14.59 -21.12
C ASP D 97 -6.37 -15.06 -21.86
N VAL D 98 -7.19 -14.10 -22.29
CA VAL D 98 -8.47 -14.39 -22.94
C VAL D 98 -8.31 -14.42 -24.45
N VAL D 99 -8.53 -15.61 -25.03
CA VAL D 99 -8.32 -15.85 -26.45
C VAL D 99 -9.62 -16.12 -27.18
N PRO D 100 -10.01 -15.23 -28.10
CA PRO D 100 -11.24 -15.41 -28.87
C PRO D 100 -11.11 -16.55 -29.84
N VAL D 101 -12.12 -17.40 -29.91
CA VAL D 101 -12.10 -18.57 -30.79
C VAL D 101 -13.10 -18.40 -31.92
N PHE D 102 -12.64 -18.65 -33.15
CA PHE D 102 -13.47 -18.51 -34.35
C PHE D 102 -13.53 -19.81 -35.15
N ASN D 103 -14.58 -19.96 -35.95
CA ASN D 103 -14.66 -21.01 -36.98
C ASN D 103 -13.98 -20.53 -38.26
N ASP D 104 -14.02 -21.33 -39.32
CA ASP D 104 -13.34 -20.97 -40.58
C ASP D 104 -14.04 -19.88 -41.39
N ALA D 105 -15.16 -19.39 -40.87
CA ALA D 105 -15.91 -18.33 -41.52
C ALA D 105 -15.79 -17.04 -40.72
N ASN D 106 -14.91 -17.06 -39.72
CA ASN D 106 -14.72 -15.90 -38.86
C ASN D 106 -15.87 -15.70 -37.87
N ALA D 107 -16.75 -16.69 -37.73
CA ALA D 107 -17.84 -16.58 -36.76
C ALA D 107 -17.35 -16.94 -35.36
N ARG D 108 -17.49 -16.01 -34.44
CA ARG D 108 -17.05 -16.19 -33.06
C ARG D 108 -17.76 -17.39 -32.37
N LEU D 109 -17.00 -18.25 -31.70
CA LEU D 109 -17.58 -19.43 -31.05
C LEU D 109 -17.57 -19.32 -29.51
N GLY D 110 -16.60 -18.56 -28.99
CA GLY D 110 -16.48 -18.37 -27.56
C GLY D 110 -15.08 -17.88 -27.19
N SER D 111 -14.63 -18.25 -26.00
CA SER D 111 -13.36 -17.78 -25.47
C SER D 111 -12.59 -18.87 -24.74
N ALA D 112 -11.31 -19.00 -25.08
CA ALA D 112 -10.39 -19.83 -24.32
C ALA D 112 -9.63 -18.91 -23.38
N VAL D 113 -9.63 -19.24 -22.09
CA VAL D 113 -8.94 -18.43 -21.11
C VAL D 113 -7.85 -19.20 -20.39
N GLN D 114 -6.61 -18.71 -20.49
CA GLN D 114 -5.54 -19.24 -19.66
C GLN D 114 -5.50 -18.52 -18.31
N TRP D 115 -5.45 -19.29 -17.24
CA TRP D 115 -5.29 -18.72 -15.90
C TRP D 115 -3.87 -18.99 -15.43
N THR D 116 -3.22 -17.95 -14.92
CA THR D 116 -1.95 -18.13 -14.23
C THR D 116 -2.07 -17.53 -12.83
N ASP D 117 -1.86 -18.38 -11.83
CA ASP D 117 -1.87 -17.97 -10.44
C ASP D 117 -0.49 -17.41 -10.08
N ARG D 118 -0.37 -16.08 -10.07
CA ARG D 118 0.94 -15.44 -9.85
C ARG D 118 1.47 -15.63 -8.43
N THR D 119 0.56 -15.75 -7.47
CA THR D 119 0.94 -15.84 -6.05
C THR D 119 1.68 -17.13 -5.72
CHA HEM E . 7.61 -2.41 -19.09
CHB HEM E . 3.89 -0.36 -16.61
CHC HEM E . 7.12 0.80 -12.97
CHD HEM E . 10.77 -1.31 -15.56
C1A HEM E . 6.33 -1.92 -18.65
C2A HEM E . 5.21 -2.09 -19.45
C3A HEM E . 4.15 -1.54 -18.79
C4A HEM E . 4.63 -1.00 -17.55
CMA HEM E . 2.72 -1.48 -19.29
CAA HEM E . 5.26 -2.79 -20.82
CBA HEM E . 5.22 -4.31 -20.57
CGA HEM E . 3.81 -4.77 -20.71
O1A HEM E . 2.99 -4.16 -21.45
O2A HEM E . 3.47 -5.82 -20.05
C1B HEM E . 4.40 0.15 -15.41
C2B HEM E . 3.66 0.81 -14.42
C3B HEM E . 4.60 1.15 -13.35
C4B HEM E . 5.92 0.68 -13.74
CMB HEM E . 2.25 1.11 -14.45
CAB HEM E . 4.27 1.85 -12.18
CBB HEM E . 4.98 1.60 -11.03
C1C HEM E . 8.41 0.36 -13.27
C2C HEM E . 9.66 0.46 -12.55
C3C HEM E . 10.65 -0.16 -13.35
C4C HEM E . 10.05 -0.62 -14.51
CMC HEM E . 9.85 1.05 -11.32
CAC HEM E . 12.07 -0.37 -13.11
CBC HEM E . 12.49 -0.68 -11.82
C1D HEM E . 10.26 -1.82 -16.79
C2D HEM E . 11.01 -2.50 -17.77
C3D HEM E . 10.10 -2.83 -18.80
C4D HEM E . 8.83 -2.33 -18.39
CMD HEM E . 12.40 -2.79 -17.72
CAD HEM E . 10.38 -3.50 -20.04
CBD HEM E . 11.20 -2.54 -20.82
CGD HEM E . 11.62 -3.10 -22.15
O1D HEM E . 12.14 -2.32 -23.00
O2D HEM E . 11.45 -4.33 -22.41
NA HEM E . 5.94 -1.26 -17.48
NB HEM E . 5.65 -0.02 -14.91
NC HEM E . 8.71 -0.28 -14.37
ND HEM E . 8.99 -1.90 -17.16
FE HEM E . 7.48 -0.80 -16.12
HHB HEM E . 2.93 -0.47 -16.67
HHC HEM E . 7.02 1.26 -12.13
HHD HEM E . 11.73 -1.45 -15.40
HMA HEM E . 2.23 -2.26 -19.00
HMAA HEM E . 2.71 -1.41 -20.26
HMAB HEM E . 2.29 -0.68 -18.91
HAA HEM E . 6.08 -2.56 -21.28
HAAA HEM E . 4.50 -2.55 -21.35
HBA HEM E . 5.54 -4.49 -19.68
HBAA HEM E . 5.77 -4.75 -21.22
HMB HEM E . 1.86 0.80 -15.30
HMBA HEM E . 2.11 2.07 -14.34
HMBB HEM E . 1.81 0.64 -13.71
HAB HEM E . 3.88 2.73 -12.28
HBB HEM E . 5.70 0.95 -11.04
HBBA HEM E . 4.70 2.00 -10.20
HMC HEM E . 10.45 1.82 -11.43
HMCA HEM E . 10.25 0.44 -10.69
HMCB HEM E . 9.01 1.38 -10.98
HAC HEM E . 12.58 -0.74 -13.85
HBC HEM E . 13.44 -0.83 -11.64
HBCA HEM E . 11.86 -0.75 -11.10
HMD HEM E . 12.67 -3.25 -18.53
HMDA HEM E . 12.58 -3.36 -16.96
HMDB HEM E . 12.91 -1.96 -17.62
HAD HEM E . 10.88 -4.31 -19.89
HADA HEM E . 9.55 -3.70 -20.52
HBD HEM E . 10.70 -1.72 -20.96
HBDA HEM E . 12.00 -2.34 -20.31
HHA HEM E . 7.65 -2.86 -19.96
CL CL F . 1.38 -10.05 -13.79
CHA HEM G . -16.94 15.22 11.08
CHB HEM G . -17.69 14.15 15.81
CHC HEM G . -15.16 9.90 15.16
CHD HEM G . -14.49 11.07 10.40
C1A HEM G . -17.34 15.22 12.46
C2A HEM G . -18.07 16.29 12.96
C3A HEM G . -18.29 16.03 14.29
C4A HEM G . -17.69 14.76 14.61
CMA HEM G . -19.06 16.92 15.25
CAA HEM G . -18.49 17.50 12.11
CBA HEM G . -19.75 17.13 11.33
CGA HEM G . -20.95 17.61 12.08
O1A HEM G . -20.88 18.61 12.86
O2A HEM G . -22.04 16.96 11.91
C1B HEM G . -17.08 12.92 16.09
C2B HEM G . -17.07 12.27 17.34
C3B HEM G . -16.34 11.03 17.15
C4B HEM G . -15.91 10.97 15.76
CMB HEM G . -17.66 12.74 18.57
CAB HEM G . -16.08 10.08 18.15
CBB HEM G . -16.01 8.75 17.83
C1C HEM G . -14.74 9.76 13.84
C2C HEM G . -13.98 8.73 13.18
C3C HEM G . -13.83 9.13 11.83
C4C HEM G . -14.45 10.36 11.66
CMC HEM G . -13.49 7.57 13.74
CAC HEM G . -13.17 8.48 10.72
CBC HEM G . -13.30 7.09 10.60
C1D HEM G . -15.09 12.32 10.12
C2D HEM G . -15.11 12.97 8.86
C3D HEM G . -15.83 14.17 9.03
C4D HEM G . -16.21 14.21 10.41
CMD HEM G . -14.52 12.46 7.68
CAD HEM G . -16.10 15.19 8.07
CBD HEM G . -14.76 15.76 7.74
CGD HEM G . -14.82 16.86 6.73
O1D HEM G . -13.79 17.59 6.57
O2D HEM G . -15.88 17.06 6.07
NA HEM G . -17.12 14.30 13.49
NB HEM G . -16.52 12.07 15.21
NC HEM G . -14.98 10.65 12.91
ND HEM G . -15.88 13.04 10.91
FE HEM G . -15.96 12.61 13.00
HHB HEM G . -17.92 14.71 16.58
HHC HEM G . -14.93 9.17 15.75
HHD HEM G . -14.04 10.63 9.65
HMA HEM G . -20.00 16.70 15.23
HMAA HEM G . -18.93 17.84 15.00
HMAB HEM G . -18.72 16.79 16.15
HAA HEM G . -17.78 17.73 11.50
HAAA HEM G . -18.68 18.25 12.69
HBA HEM G . -19.78 16.17 11.23
HBAA HEM G . -19.72 17.56 10.46
HMB HEM G . -18.08 13.62 18.43
HMBA HEM G . -16.99 12.79 19.27
HMBB HEM G . -18.36 12.10 18.84
HAB HEM G . -15.58 10.38 18.91
HBB HEM G . -15.83 8.10 18.52
HBBA HEM G . -16.05 8.48 16.90
HMC HEM G . -12.51 7.59 13.70
HMCA HEM G . -13.81 6.79 13.26
HMCB HEM G . -13.75 7.53 14.67
HAC HEM G . -13.10 8.99 9.89
HBC HEM G . -13.82 6.59 11.24
HBCA HEM G . -12.87 6.63 9.87
HMD HEM G . -14.65 13.09 6.96
HMDA HEM G . -14.94 11.62 7.45
HMDB HEM G . -13.56 12.31 7.82
HAD HEM G . -16.49 14.82 7.26
HADA HEM G . -16.66 15.88 8.44
HBD HEM G . -14.34 16.09 8.56
HBDA HEM G . -14.21 15.04 7.38
HHA HEM G . -17.16 16.01 10.54
C1 GOL H . 1.63 7.03 14.22
O1 GOL H . 2.26 6.49 15.38
C2 GOL H . 0.10 6.95 14.33
O2 GOL H . -0.41 8.26 14.19
C3 GOL H . -0.55 6.12 13.23
O3 GOL H . -1.45 6.99 12.54
H11 GOL H . 1.94 8.06 14.09
H12 GOL H . 1.96 6.47 13.34
HO1 GOL H . 3.23 6.49 15.24
H2 GOL H . -0.17 6.53 15.30
HO2 GOL H . -0.20 8.60 13.30
H31 GOL H . 0.19 5.72 12.55
H32 GOL H . -1.11 5.29 13.66
HO3 GOL H . -2.20 6.48 12.19
CHA HEM I . 19.58 7.18 23.30
CHB HEM I . 20.19 10.89 20.08
CHC HEM I . 17.52 8.41 16.69
CHD HEM I . 16.95 4.71 19.99
C1A HEM I . 19.95 8.41 22.66
C2A HEM I . 20.74 9.38 23.30
C3A HEM I . 20.89 10.42 22.41
C4A HEM I . 20.22 10.08 21.19
CMA HEM I . 21.65 11.72 22.61
CAA HEM I . 21.26 9.32 24.74
CBA HEM I . 22.58 8.59 24.98
CGA HEM I . 23.76 9.17 24.27
O1A HEM I . 23.81 10.38 23.91
O2A HEM I . 24.77 8.42 24.01
C1B HEM I . 19.55 10.58 18.87
C2B HEM I . 19.51 11.41 17.72
C3B HEM I . 18.73 10.69 16.72
C4B HEM I . 18.31 9.42 17.32
CMB HEM I . 20.08 12.70 17.53
CAB HEM I . 18.44 11.20 15.44
CBB HEM I . 18.59 10.38 14.34
C1C HEM I . 17.11 7.19 17.23
C2C HEM I . 16.33 6.14 16.64
C3C HEM I . 16.18 5.11 17.61
C4C HEM I . 16.86 5.51 18.76
CMC HEM I . 15.83 6.17 15.36
CAC HEM I . 15.53 3.82 17.59
CBC HEM I . 14.99 3.29 16.41
C1D HEM I . 17.62 5.04 21.20
C2D HEM I . 17.65 4.22 22.32
C3D HEM I . 18.41 4.91 23.30
C4D HEM I . 18.81 6.14 22.71
CMD HEM I . 17.00 2.96 22.32
CAD HEM I . 18.72 4.48 24.64
CBD HEM I . 17.56 3.66 25.08
CGD HEM I . 17.26 3.81 26.53
O1D HEM I . 16.05 3.91 26.87
O2D HEM I . 18.17 3.84 27.40
NA HEM I . 19.67 8.88 21.36
NB HEM I . 18.92 9.41 18.59
NC HEM I . 17.38 6.75 18.44
ND HEM I . 18.40 6.07 21.47
FE HEM I . 18.34 7.74 20.14
HHB HEM I . 20.49 11.81 20.20
HHC HEM I . 17.25 8.59 15.78
HHD HEM I . 16.51 3.84 19.96
HMA HEM I . 22.58 11.60 22.36
HMAA HEM I . 21.60 11.97 23.54
HMAB HEM I . 21.25 12.41 22.06
HAA HEM I . 20.57 8.88 25.28
HAAA HEM I . 21.37 10.21 25.07
HBA HEM I . 22.48 7.67 24.67
HBAA HEM I . 22.77 8.57 25.93
HMB HEM I . 20.53 12.99 18.35
HMBA HEM I . 19.40 13.34 17.26
HMBB HEM I . 20.75 12.64 16.80
HAB HEM I . 17.82 11.93 15.37
HBB HEM I . 18.38 10.72 13.46
HBBA HEM I . 18.78 9.44 14.47
HMC HEM I . 14.85 6.18 15.41
HMCA HEM I . 16.11 5.40 14.85
HMCB HEM I . 16.10 6.98 14.92
HAC HEM I . 15.81 3.17 18.25
HBC HEM I . 14.55 2.42 16.44
HBCA HEM I . 15.05 3.78 15.59
HMD HEM I . 17.13 2.54 23.20
HMDA HEM I . 17.41 2.39 21.65
HMDB HEM I . 16.06 3.06 22.12
HAD HEM I . 19.52 3.93 24.64
HADA HEM I . 18.84 5.24 25.24
HBD HEM I . 16.78 3.95 24.57
HBDA HEM I . 17.74 2.73 24.89
HHA HEM I . 20.05 6.95 24.14
C1 GOL J . 2.83 -3.65 10.87
O1 GOL J . 4.02 -4.38 11.08
C2 GOL J . 2.58 -2.68 12.03
O2 GOL J . 3.62 -2.76 12.97
C3 GOL J . 2.47 -1.27 11.46
O3 GOL J . 2.53 -0.30 12.49
H11 GOL J . 2.91 -3.09 9.94
H12 GOL J . 1.99 -4.33 10.78
HO1 GOL J . 4.13 -5.05 10.36
H2 GOL J . 1.63 -2.94 12.49
HO2 GOL J . 4.47 -2.51 12.54
H31 GOL J . 3.29 -1.10 10.76
H32 GOL J . 1.53 -1.16 10.91
HO3 GOL J . 2.60 0.59 12.10
CHA HEM K . -13.08 -9.09 -14.16
CHB HEM K . -13.78 -12.98 -11.17
CHC HEM K . -14.03 -15.98 -15.12
CHD HEM K . -13.32 -12.02 -18.06
C1A HEM K . -13.24 -9.94 -13.01
C2A HEM K . -13.25 -9.46 -11.70
C3A HEM K . -13.44 -10.54 -10.87
C4A HEM K . -13.57 -11.72 -11.67
CMA HEM K . -13.51 -10.54 -9.36
CAA HEM K . -13.04 -8.00 -11.29
CBA HEM K . -14.25 -7.10 -11.49
CGA HEM K . -15.28 -7.28 -10.41
O1A HEM K . -14.95 -7.63 -9.25
O2A HEM K . -16.52 -7.08 -10.68
C1B HEM K . -13.92 -14.14 -11.93
C2B HEM K . -14.13 -15.44 -11.43
C3B HEM K . -14.21 -16.34 -12.56
C4B HEM K . -14.02 -15.52 -13.77
CMB HEM K . -14.24 -15.86 -10.06
CAB HEM K . -14.39 -17.72 -12.46
CBB HEM K . -15.27 -18.37 -13.30
C1C HEM K . -13.85 -15.23 -16.29
C2C HEM K . -13.86 -15.64 -17.66
C3C HEM K . -13.65 -14.48 -18.47
C4C HEM K . -13.52 -13.40 -17.61
CMC HEM K . -14.03 -16.95 -18.09
CAC HEM K . -13.56 -14.27 -19.90
CBC HEM K . -13.81 -15.28 -20.83
C1D HEM K . -13.19 -10.84 -17.25
C2D HEM K . -12.97 -9.57 -17.78
C3D HEM K . -12.91 -8.70 -16.67
C4D HEM K . -13.08 -9.50 -15.51
CMD HEM K . -12.88 -9.34 -19.17
CAD HEM K . -12.68 -7.29 -16.71
CBD HEM K . -11.57 -7.16 -17.70
CGD HEM K . -10.70 -5.95 -17.50
O1D HEM K . -9.45 -6.11 -17.57
O2D HEM K . -11.20 -4.82 -17.30
NA HEM K . -13.46 -11.35 -12.95
NB HEM K . -13.94 -14.20 -13.29
NC HEM K . -13.67 -13.93 -16.35
ND HEM K . -13.34 -10.70 -15.95
FE HEM K . -13.33 -12.46 -14.75
HHB HEM K . -13.63 -13.09 -10.22
HHC HEM K . -14.16 -16.93 -15.24
HHD HEM K . -13.27 -11.89 -19.02
HMA HEM K . -12.63 -10.68 -8.98
HMAA HEM K . -14.11 -11.23 -9.06
HMAB HEM K . -13.85 -9.68 -9.06
HAA HEM K . -12.30 -7.64 -11.80
HAAA HEM K . -12.82 -7.97 -10.35
HBA HEM K . -14.65 -7.31 -12.34
HBAA HEM K . -13.97 -6.17 -11.49
HMB HEM K . -14.13 -15.08 -9.47
HMBA HEM K . -13.58 -16.54 -9.86
HMBB HEM K . -15.14 -16.23 -9.92
HAB HEM K . -13.68 -18.25 -12.08
HBB HEM K . -15.76 -17.86 -13.96
HBBA HEM K . -15.46 -19.30 -13.17
HMC HEM K . -13.21 -17.24 -18.54
HMCA HEM K . -14.77 -17.02 -18.71
HMCB HEM K . -14.17 -17.52 -17.33
HAC HEM K . -13.72 -13.35 -20.21
HBC HEM K . -13.74 -15.10 -21.77
HBCA HEM K . -14.05 -16.17 -20.52
HMD HEM K . -12.73 -8.40 -19.34
HMDA HEM K . -13.73 -9.60 -19.59
HMDB HEM K . -12.17 -9.88 -19.56
HAD HEM K . -13.45 -6.81 -17.03
HADA HEM K . -12.41 -6.94 -15.84
HBD HEM K . -11.01 -7.95 -17.62
HBDA HEM K . -11.95 -7.13 -18.59
HHA HEM K . -13.15 -8.11 -14.00
C1 GOL L . -1.37 -24.26 -25.84
O1 GOL L . -0.55 -25.41 -25.86
C2 GOL L . -1.88 -24.05 -24.41
O2 GOL L . -0.89 -24.56 -23.54
C3 GOL L . -2.15 -22.59 -24.05
O3 GOL L . -3.51 -22.23 -24.33
H11 GOL L . -0.82 -23.39 -26.17
H12 GOL L . -2.23 -24.40 -26.52
HO1 GOL L . -0.27 -25.60 -26.78
H2 GOL L . -2.80 -24.62 -24.28
HO2 GOL L . -0.07 -24.03 -23.65
H31 GOL L . -1.95 -22.43 -23.00
H32 GOL L . -1.49 -21.95 -24.63
HO3 GOL L . -3.73 -21.40 -23.85
C1 GOL M . -6.63 -21.66 -30.59
O1 GOL M . -7.67 -21.96 -31.50
C2 GOL M . -6.61 -22.66 -29.44
O2 GOL M . -5.53 -23.54 -29.61
C3 GOL M . -6.45 -21.90 -28.12
O3 GOL M . -6.32 -22.81 -27.04
H11 GOL M . -5.68 -21.68 -31.11
H12 GOL M . -6.77 -20.65 -30.20
HO1 GOL M . -7.71 -21.27 -32.19
H2 GOL M . -7.55 -23.21 -29.42
HO2 GOL M . -4.69 -23.04 -29.60
H31 GOL M . -5.57 -21.26 -28.16
H32 GOL M . -7.32 -21.26 -27.96
HO3 GOL M . -5.79 -23.57 -27.32
#